data_2JPW
#
_entry.id   2JPW
#
_cell.length_a   1.000
_cell.length_b   1.000
_cell.length_c   1.000
_cell.angle_alpha   90.00
_cell.angle_beta   90.00
_cell.angle_gamma   90.00
#
_symmetry.space_group_name_H-M   'P 1'
#
_entity_poly.entity_id   1
_entity_poly.type   'polypeptide(L)'
_entity_poly.pdbx_seq_one_letter_code
;MADESSDAAGEPQPAPAPVRRR(SEP)(SEP)ANYRAYAT
;
_entity_poly.pdbx_strand_id   A
#
# COMPACT_ATOMS: atom_id res chain seq x y z
N MET A 1 -21.16 5.29 -4.04
CA MET A 1 -21.55 5.78 -2.69
C MET A 1 -21.48 7.31 -2.62
N ALA A 2 -22.10 7.90 -1.63
CA ALA A 2 -22.07 9.40 -1.51
C ALA A 2 -20.95 9.83 -0.55
N ASP A 3 -20.79 9.15 0.56
CA ASP A 3 -19.71 9.52 1.53
C ASP A 3 -18.45 8.67 1.28
N GLU A 4 -17.30 9.17 1.69
CA GLU A 4 -16.04 8.41 1.48
C GLU A 4 -15.75 7.47 2.67
N SER A 5 -16.65 7.37 3.61
CA SER A 5 -16.42 6.47 4.79
C SER A 5 -17.06 5.09 4.56
N SER A 6 -17.67 4.87 3.41
CA SER A 6 -18.29 3.54 3.13
C SER A 6 -17.21 2.44 3.12
N ASP A 7 -15.97 2.82 2.93
CA ASP A 7 -14.85 1.82 2.93
C ASP A 7 -14.82 1.03 4.25
N ALA A 8 -15.13 1.68 5.36
CA ALA A 8 -15.12 0.99 6.68
C ALA A 8 -16.52 0.44 6.98
N ALA A 9 -17.55 1.13 6.59
CA ALA A 9 -18.95 0.64 6.85
C ALA A 9 -19.27 -0.59 5.99
N GLY A 10 -18.68 -0.67 4.81
CA GLY A 10 -18.95 -1.85 3.91
C GLY A 10 -17.89 -2.93 4.18
N GLU A 11 -17.34 -3.50 3.13
CA GLU A 11 -16.31 -4.56 3.31
C GLU A 11 -14.89 -3.97 3.20
N PRO A 12 -14.20 -3.94 4.31
CA PRO A 12 -12.81 -3.39 4.33
C PRO A 12 -11.83 -4.36 3.65
N GLN A 13 -10.97 -3.86 2.80
CA GLN A 13 -9.99 -4.74 2.11
C GLN A 13 -8.75 -4.97 3.01
N PRO A 14 -8.12 -6.11 2.81
CA PRO A 14 -6.91 -6.45 3.61
C PRO A 14 -5.70 -5.63 3.14
N ALA A 15 -4.93 -5.12 4.06
CA ALA A 15 -3.73 -4.30 3.67
C ALA A 15 -2.60 -5.21 3.16
N PRO A 16 -1.98 -4.79 2.08
CA PRO A 16 -0.86 -5.58 1.49
C PRO A 16 0.40 -5.48 2.36
N ALA A 17 1.11 -6.57 2.54
CA ALA A 17 2.35 -6.54 3.37
C ALA A 17 3.52 -5.94 2.57
N PRO A 18 4.26 -5.07 3.22
CA PRO A 18 5.43 -4.42 2.55
C PRO A 18 6.59 -5.42 2.40
N VAL A 19 7.28 -5.39 1.28
CA VAL A 19 8.43 -6.33 1.08
C VAL A 19 9.70 -5.74 1.72
N ARG A 20 10.59 -6.60 2.17
CA ARG A 20 11.85 -6.10 2.80
C ARG A 20 12.90 -5.77 1.72
N ARG A 21 13.76 -4.83 1.99
CA ARG A 21 14.81 -4.46 0.98
C ARG A 21 16.21 -4.92 1.43
N ARG A 22 16.30 -5.64 2.53
CA ARG A 22 17.64 -6.11 3.02
C ARG A 22 18.34 -7.03 2.00
N ALA A 25 17.67 -4.73 -2.04
CA ALA A 25 18.43 -3.44 -2.24
C ALA A 25 19.93 -3.71 -2.21
N ASN A 26 20.37 -4.64 -1.41
CA ASN A 26 21.83 -4.96 -1.34
C ASN A 26 22.26 -5.78 -2.55
N TYR A 27 21.38 -6.63 -3.05
CA TYR A 27 21.72 -7.46 -4.25
C TYR A 27 21.69 -6.60 -5.51
N ARG A 28 20.79 -5.65 -5.58
CA ARG A 28 20.72 -4.78 -6.80
C ARG A 28 21.84 -3.71 -6.76
N ALA A 29 22.24 -3.27 -5.59
CA ALA A 29 23.32 -2.24 -5.50
C ALA A 29 24.65 -2.82 -6.01
N TYR A 30 24.84 -4.12 -5.87
CA TYR A 30 26.10 -4.76 -6.36
C TYR A 30 26.08 -4.87 -7.89
N ALA A 31 24.92 -5.09 -8.47
CA ALA A 31 24.82 -5.20 -9.95
C ALA A 31 24.61 -3.81 -10.58
N THR A 32 23.65 -3.07 -10.09
CA THR A 32 23.40 -1.70 -10.66
C THR A 32 23.89 -0.63 -9.67
N MET A 1 -27.60 3.55 2.38
CA MET A 1 -27.73 4.21 1.04
C MET A 1 -26.70 3.65 0.05
N ALA A 2 -26.84 3.94 -1.22
CA ALA A 2 -25.87 3.43 -2.22
C ALA A 2 -24.72 4.42 -2.40
N ASP A 3 -23.99 4.70 -1.34
CA ASP A 3 -22.85 5.66 -1.44
C ASP A 3 -21.57 4.91 -1.84
N GLU A 4 -20.62 5.63 -2.40
CA GLU A 4 -19.34 4.98 -2.83
C GLU A 4 -18.40 4.75 -1.64
N SER A 5 -18.78 5.17 -0.46
CA SER A 5 -17.90 4.97 0.73
C SER A 5 -18.25 3.67 1.48
N SER A 6 -19.26 2.94 1.02
CA SER A 6 -19.62 1.66 1.70
C SER A 6 -18.44 0.69 1.66
N ASP A 7 -17.52 0.87 0.74
CA ASP A 7 -16.33 -0.02 0.65
C ASP A 7 -15.56 -0.03 1.99
N ALA A 8 -15.55 1.08 2.68
CA ALA A 8 -14.83 1.16 3.99
C ALA A 8 -15.80 0.88 5.15
N ALA A 9 -17.04 1.30 5.02
CA ALA A 9 -18.04 1.06 6.11
C ALA A 9 -18.47 -0.41 6.14
N GLY A 10 -18.48 -1.08 5.01
CA GLY A 10 -18.89 -2.51 4.98
C GLY A 10 -17.66 -3.40 5.21
N GLU A 11 -17.24 -4.13 4.21
CA GLU A 11 -16.04 -5.02 4.38
C GLU A 11 -14.77 -4.32 3.85
N PRO A 12 -13.90 -3.97 4.76
CA PRO A 12 -12.64 -3.28 4.39
C PRO A 12 -11.66 -4.27 3.73
N GLN A 13 -10.99 -3.85 2.69
CA GLN A 13 -10.01 -4.76 2.01
C GLN A 13 -8.76 -4.98 2.88
N PRO A 14 -8.16 -6.13 2.74
CA PRO A 14 -6.95 -6.46 3.54
C PRO A 14 -5.73 -5.66 3.03
N ALA A 15 -4.95 -5.13 3.94
CA ALA A 15 -3.75 -4.33 3.51
C ALA A 15 -2.62 -5.26 3.06
N PRO A 16 -1.98 -4.89 1.99
CA PRO A 16 -0.86 -5.72 1.44
C PRO A 16 0.39 -5.61 2.33
N ALA A 17 1.09 -6.71 2.51
CA ALA A 17 2.32 -6.68 3.37
C ALA A 17 3.45 -5.94 2.64
N PRO A 18 4.12 -5.08 3.37
CA PRO A 18 5.24 -4.30 2.78
C PRO A 18 6.46 -5.19 2.51
N VAL A 19 7.06 -5.05 1.37
CA VAL A 19 8.26 -5.87 1.04
C VAL A 19 9.47 -5.37 1.84
N ARG A 20 10.36 -6.26 2.22
CA ARG A 20 11.56 -5.84 3.01
C ARG A 20 12.48 -4.95 2.16
N ARG A 21 13.18 -4.03 2.77
CA ARG A 21 14.11 -3.15 1.99
C ARG A 21 15.58 -3.48 2.30
N ARG A 22 15.84 -4.53 3.04
CA ARG A 22 17.25 -4.89 3.39
C ARG A 22 18.10 -5.15 2.14
N ALA A 25 17.71 -1.64 -0.44
CA ALA A 25 18.42 -0.41 0.04
C ALA A 25 19.93 -0.60 -0.14
N ASN A 26 20.42 -1.81 0.00
CA ASN A 26 21.89 -2.06 -0.18
C ASN A 26 22.22 -2.24 -1.67
N TYR A 27 21.32 -2.82 -2.42
CA TYR A 27 21.59 -3.00 -3.88
C TYR A 27 21.53 -1.66 -4.62
N ARG A 28 20.65 -0.77 -4.21
CA ARG A 28 20.56 0.55 -4.89
C ARG A 28 21.77 1.43 -4.52
N ALA A 29 22.35 1.22 -3.35
CA ALA A 29 23.53 2.03 -2.94
C ALA A 29 24.81 1.42 -3.52
N TYR A 30 24.81 0.13 -3.80
CA TYR A 30 26.02 -0.52 -4.36
C TYR A 30 25.98 -0.54 -5.90
N ALA A 31 24.81 -0.70 -6.48
CA ALA A 31 24.71 -0.73 -7.97
C ALA A 31 24.65 0.69 -8.55
N THR A 32 23.74 1.50 -8.07
CA THR A 32 23.63 2.90 -8.59
C THR A 32 24.17 3.92 -7.57
N MET A 1 -25.91 4.72 -3.57
CA MET A 1 -25.31 5.41 -4.75
C MET A 1 -23.94 4.80 -5.10
N ALA A 2 -23.40 5.14 -6.25
CA ALA A 2 -22.08 4.58 -6.65
C ALA A 2 -20.95 5.52 -6.19
N ASP A 3 -20.79 5.69 -4.90
CA ASP A 3 -19.71 6.58 -4.37
C ASP A 3 -18.43 5.78 -4.12
N GLU A 4 -17.30 6.45 -4.03
CA GLU A 4 -16.01 5.73 -3.79
C GLU A 4 -15.79 5.45 -2.30
N SER A 5 -16.62 6.00 -1.43
CA SER A 5 -16.44 5.74 0.04
C SER A 5 -17.04 4.39 0.44
N SER A 6 -17.80 3.77 -0.43
CA SER A 6 -18.41 2.43 -0.10
C SER A 6 -17.30 1.41 0.18
N ASP A 7 -16.09 1.67 -0.25
CA ASP A 7 -14.96 0.73 0.00
C ASP A 7 -14.80 0.48 1.51
N ALA A 8 -15.07 1.47 2.33
CA ALA A 8 -14.95 1.31 3.80
C ALA A 8 -16.30 0.92 4.40
N ALA A 9 -17.37 1.47 3.86
CA ALA A 9 -18.74 1.13 4.38
C ALA A 9 -19.11 -0.31 4.03
N GLY A 10 -18.63 -0.81 2.91
CA GLY A 10 -18.94 -2.21 2.51
C GLY A 10 -17.88 -3.15 3.07
N GLU A 11 -17.19 -3.87 2.22
CA GLU A 11 -16.13 -4.81 2.72
C GLU A 11 -14.73 -4.16 2.62
N PRO A 12 -14.13 -3.94 3.77
CA PRO A 12 -12.78 -3.32 3.80
C PRO A 12 -11.71 -4.33 3.34
N GLN A 13 -10.85 -3.93 2.46
CA GLN A 13 -9.79 -4.86 1.96
C GLN A 13 -8.66 -5.01 3.00
N PRO A 14 -8.01 -6.15 2.97
CA PRO A 14 -6.89 -6.42 3.93
C PRO A 14 -5.65 -5.59 3.55
N ALA A 15 -4.87 -5.19 4.53
CA ALA A 15 -3.64 -4.38 4.24
C ALA A 15 -2.59 -5.25 3.53
N PRO A 16 -2.04 -4.72 2.46
CA PRO A 16 -1.01 -5.46 1.69
C PRO A 16 0.32 -5.51 2.45
N ALA A 17 1.00 -6.62 2.42
CA ALA A 17 2.31 -6.72 3.13
C ALA A 17 3.39 -5.90 2.41
N PRO A 18 4.22 -5.24 3.19
CA PRO A 18 5.30 -4.40 2.62
C PRO A 18 6.40 -5.28 2.00
N VAL A 19 6.85 -4.94 0.82
CA VAL A 19 7.93 -5.74 0.15
C VAL A 19 9.31 -5.32 0.69
N ARG A 20 10.27 -6.21 0.64
CA ARG A 20 11.64 -5.86 1.13
C ARG A 20 12.34 -4.90 0.15
N ARG A 21 13.20 -4.05 0.65
CA ARG A 21 13.91 -3.09 -0.26
C ARG A 21 15.39 -3.46 -0.42
N ARG A 22 15.82 -4.59 0.12
CA ARG A 22 17.27 -4.98 0.00
C ARG A 22 17.68 -5.13 -1.48
N ALA A 25 15.67 -1.52 -3.68
CA ALA A 25 16.22 -0.15 -3.41
C ALA A 25 17.58 0.02 -4.10
N ASN A 26 18.34 -1.05 -4.21
CA ASN A 26 19.67 -0.95 -4.88
C ASN A 26 19.47 -0.95 -6.41
N TYR A 27 18.46 -1.63 -6.89
CA TYR A 27 18.20 -1.64 -8.36
C TYR A 27 17.56 -0.32 -8.80
N ARG A 28 16.74 0.27 -7.96
CA ARG A 28 16.11 1.57 -8.33
C ARG A 28 17.10 2.72 -8.11
N ALA A 29 18.13 2.51 -7.31
CA ALA A 29 19.14 3.60 -7.06
C ALA A 29 19.77 4.05 -8.38
N TYR A 30 19.86 3.17 -9.36
CA TYR A 30 20.45 3.55 -10.68
C TYR A 30 19.45 4.40 -11.48
N ALA A 31 18.18 4.15 -11.32
CA ALA A 31 17.15 4.95 -12.06
C ALA A 31 16.82 6.23 -11.29
N THR A 32 16.76 6.18 -9.99
CA THR A 32 16.45 7.39 -9.19
C THR A 32 17.72 7.94 -8.51
N MET A 1 -17.03 7.91 -2.88
CA MET A 1 -17.66 8.05 -1.54
C MET A 1 -17.66 9.52 -1.08
N ALA A 2 -18.57 9.88 -0.23
CA ALA A 2 -18.62 11.29 0.27
C ALA A 2 -17.68 11.46 1.47
N ASP A 3 -17.81 10.60 2.45
CA ASP A 3 -16.94 10.69 3.66
C ASP A 3 -15.77 9.70 3.54
N GLU A 4 -14.67 9.99 4.18
CA GLU A 4 -13.49 9.08 4.10
C GLU A 4 -13.59 7.95 5.15
N SER A 5 -14.73 7.81 5.80
CA SER A 5 -14.88 6.72 6.81
C SER A 5 -15.63 5.52 6.22
N SER A 6 -16.05 5.61 4.97
CA SER A 6 -16.77 4.47 4.33
C SER A 6 -15.87 3.23 4.30
N ASP A 7 -14.57 3.43 4.37
CA ASP A 7 -13.61 2.28 4.37
C ASP A 7 -13.92 1.33 5.54
N ALA A 8 -14.38 1.86 6.64
CA ALA A 8 -14.71 0.99 7.82
C ALA A 8 -16.20 0.63 7.80
N ALA A 9 -17.05 1.56 7.41
CA ALA A 9 -18.53 1.27 7.38
C ALA A 9 -18.86 0.29 6.24
N GLY A 10 -18.10 0.31 5.17
CA GLY A 10 -18.38 -0.63 4.03
C GLY A 10 -17.51 -1.88 4.19
N GLU A 11 -17.01 -2.41 3.10
CA GLU A 11 -16.14 -3.64 3.19
C GLU A 11 -14.66 -3.24 3.18
N PRO A 12 -14.02 -3.42 4.31
CA PRO A 12 -12.58 -3.07 4.44
C PRO A 12 -11.72 -4.12 3.72
N GLN A 13 -10.81 -3.68 2.87
CA GLN A 13 -9.94 -4.65 2.13
C GLN A 13 -8.70 -5.02 2.98
N PRO A 14 -8.15 -6.17 2.71
CA PRO A 14 -6.96 -6.65 3.45
C PRO A 14 -5.72 -5.84 3.04
N ALA A 15 -4.96 -5.37 4.00
CA ALA A 15 -3.73 -4.57 3.67
C ALA A 15 -2.61 -5.50 3.19
N PRO A 16 -1.99 -5.13 2.09
CA PRO A 16 -0.88 -5.94 1.52
C PRO A 16 0.40 -5.78 2.37
N ALA A 17 1.17 -6.83 2.49
CA ALA A 17 2.43 -6.75 3.29
C ALA A 17 3.47 -5.88 2.56
N PRO A 18 4.06 -4.95 3.28
CA PRO A 18 5.07 -4.05 2.70
C PRO A 18 6.39 -4.79 2.45
N VAL A 19 7.01 -4.55 1.32
CA VAL A 19 8.31 -5.24 1.02
C VAL A 19 9.48 -4.52 1.72
N ARG A 20 10.52 -5.25 2.03
CA ARG A 20 11.69 -4.61 2.72
C ARG A 20 12.43 -3.66 1.77
N ARG A 21 12.80 -2.50 2.25
CA ARG A 21 13.51 -1.51 1.38
C ARG A 21 15.00 -1.39 1.75
N ARG A 22 15.49 -2.24 2.63
CA ARG A 22 16.93 -2.16 3.04
C ARG A 22 17.87 -2.34 1.82
N ALA A 25 15.88 0.30 -1.57
CA ALA A 25 15.96 1.78 -1.37
C ALA A 25 17.41 2.24 -1.42
N ASN A 26 18.33 1.41 -1.00
CA ASN A 26 19.78 1.80 -1.02
C ASN A 26 20.34 1.61 -2.43
N TYR A 27 19.87 0.62 -3.17
CA TYR A 27 20.38 0.41 -4.55
C TYR A 27 19.84 1.50 -5.49
N ARG A 28 18.62 1.94 -5.27
CA ARG A 28 18.05 3.02 -6.15
C ARG A 28 18.58 4.40 -5.72
N ALA A 29 19.06 4.53 -4.50
CA ALA A 29 19.58 5.85 -4.03
C ALA A 29 20.84 6.25 -4.83
N TYR A 30 21.59 5.29 -5.30
CA TYR A 30 22.82 5.61 -6.09
C TYR A 30 22.49 5.69 -7.59
N ALA A 31 21.57 4.88 -8.06
CA ALA A 31 21.21 4.91 -9.51
C ALA A 31 20.28 6.09 -9.81
N THR A 32 19.18 6.20 -9.08
CA THR A 32 18.24 7.34 -9.32
C THR A 32 18.31 8.36 -8.17
N MET A 1 -22.48 3.10 -5.20
CA MET A 1 -22.30 4.03 -4.03
C MET A 1 -22.14 5.49 -4.51
N ALA A 2 -22.37 6.44 -3.64
CA ALA A 2 -22.23 7.88 -4.04
C ALA A 2 -20.81 8.39 -3.75
N ASP A 3 -20.35 8.20 -2.53
CA ASP A 3 -18.97 8.66 -2.17
C ASP A 3 -17.97 7.50 -2.27
N GLU A 4 -16.71 7.82 -2.49
CA GLU A 4 -15.68 6.73 -2.62
C GLU A 4 -15.19 6.27 -1.24
N SER A 5 -15.62 6.91 -0.17
CA SER A 5 -15.16 6.47 1.19
C SER A 5 -15.98 5.27 1.68
N SER A 6 -17.03 4.90 0.99
CA SER A 6 -17.85 3.72 1.43
C SER A 6 -16.98 2.46 1.47
N ASP A 7 -15.87 2.45 0.76
CA ASP A 7 -14.97 1.26 0.76
C ASP A 7 -14.55 0.90 2.20
N ALA A 8 -14.40 1.87 3.06
CA ALA A 8 -14.00 1.59 4.48
C ALA A 8 -15.25 1.32 5.33
N ALA A 9 -16.33 2.02 5.06
CA ALA A 9 -17.58 1.80 5.85
C ALA A 9 -18.24 0.47 5.47
N GLY A 10 -18.09 0.03 4.24
CA GLY A 10 -18.71 -1.26 3.81
C GLY A 10 -17.73 -2.41 4.06
N GLU A 11 -17.19 -2.99 3.01
CA GLU A 11 -16.23 -4.12 3.18
C GLU A 11 -14.78 -3.61 3.08
N PRO A 12 -14.08 -3.63 4.21
CA PRO A 12 -12.67 -3.16 4.25
C PRO A 12 -11.73 -4.17 3.58
N GLN A 13 -10.85 -3.72 2.73
CA GLN A 13 -9.91 -4.66 2.06
C GLN A 13 -8.71 -4.98 2.97
N PRO A 14 -8.13 -6.15 2.75
CA PRO A 14 -6.96 -6.58 3.57
C PRO A 14 -5.70 -5.77 3.19
N ALA A 15 -4.97 -5.32 4.17
CA ALA A 15 -3.73 -4.52 3.89
C ALA A 15 -2.62 -5.44 3.34
N PRO A 16 -2.02 -5.02 2.24
CA PRO A 16 -0.93 -5.81 1.61
C PRO A 16 0.37 -5.69 2.42
N ALA A 17 1.15 -6.75 2.48
CA ALA A 17 2.43 -6.70 3.25
C ALA A 17 3.49 -5.88 2.50
N PRO A 18 4.15 -5.00 3.21
CA PRO A 18 5.20 -4.15 2.58
C PRO A 18 6.46 -4.97 2.28
N VAL A 19 7.04 -4.78 1.12
CA VAL A 19 8.27 -5.54 0.75
C VAL A 19 9.52 -4.88 1.35
N ARG A 20 10.55 -5.64 1.60
CA ARG A 20 11.80 -5.05 2.19
C ARG A 20 12.50 -4.17 1.15
N ARG A 21 13.21 -3.15 1.61
CA ARG A 21 13.93 -2.24 0.66
C ARG A 21 15.45 -2.45 0.72
N ARG A 22 15.91 -3.44 1.45
CA ARG A 22 17.39 -3.69 1.56
C ARG A 22 18.03 -3.97 0.19
N ALA A 25 17.94 -0.29 -2.19
CA ALA A 25 18.92 0.78 -1.81
C ALA A 25 20.34 0.38 -2.24
N ASN A 26 20.64 -0.89 -2.25
CA ASN A 26 22.01 -1.32 -2.67
C ASN A 26 22.11 -1.41 -4.19
N TYR A 27 21.05 -1.81 -4.86
CA TYR A 27 21.09 -1.91 -6.35
C TYR A 27 21.02 -0.51 -6.98
N ARG A 28 20.27 0.40 -6.40
CA ARG A 28 20.19 1.77 -6.97
C ARG A 28 21.46 2.56 -6.67
N ALA A 29 22.10 2.31 -5.54
CA ALA A 29 23.35 3.05 -5.20
C ALA A 29 24.51 2.61 -6.11
N TYR A 30 24.48 1.38 -6.58
CA TYR A 30 25.58 0.89 -7.47
C TYR A 30 25.29 1.23 -8.95
N ALA A 31 24.03 1.22 -9.34
CA ALA A 31 23.69 1.53 -10.76
C ALA A 31 23.63 3.05 -10.99
N THR A 32 22.85 3.75 -10.20
CA THR A 32 22.75 5.24 -10.38
C THR A 32 23.48 5.98 -9.27
N MET A 1 -19.37 -2.45 -9.68
CA MET A 1 -18.87 -1.05 -9.86
C MET A 1 -17.87 -0.97 -11.02
N ALA A 2 -17.78 0.17 -11.65
CA ALA A 2 -16.83 0.33 -12.81
C ALA A 2 -15.42 0.61 -12.29
N ASP A 3 -15.29 1.52 -11.35
CA ASP A 3 -13.96 1.85 -10.78
C ASP A 3 -13.57 0.84 -9.71
N GLU A 4 -12.31 0.68 -9.45
CA GLU A 4 -11.86 -0.30 -8.41
C GLU A 4 -11.64 0.39 -7.06
N SER A 5 -12.12 1.61 -6.91
CA SER A 5 -11.95 2.33 -5.60
C SER A 5 -13.20 2.16 -4.73
N SER A 6 -14.31 1.74 -5.31
CA SER A 6 -15.56 1.56 -4.51
C SER A 6 -15.35 0.48 -3.43
N ASP A 7 -14.33 -0.34 -3.57
CA ASP A 7 -14.04 -1.41 -2.56
C ASP A 7 -13.98 -0.80 -1.15
N ALA A 8 -13.44 0.39 -1.00
CA ALA A 8 -13.35 1.03 0.35
C ALA A 8 -14.76 1.35 0.88
N ALA A 9 -15.64 1.80 0.01
CA ALA A 9 -17.03 2.13 0.46
C ALA A 9 -17.81 0.84 0.78
N GLY A 10 -17.51 -0.24 0.11
CA GLY A 10 -18.24 -1.52 0.37
C GLY A 10 -17.46 -2.33 1.41
N GLU A 11 -16.84 -3.40 1.00
CA GLU A 11 -16.06 -4.25 1.97
C GLU A 11 -14.59 -3.81 1.97
N PRO A 12 -14.10 -3.48 3.15
CA PRO A 12 -12.68 -3.05 3.28
C PRO A 12 -11.73 -4.20 2.99
N GLN A 13 -10.58 -3.92 2.42
CA GLN A 13 -9.61 -5.01 2.08
C GLN A 13 -8.53 -5.10 3.18
N PRO A 14 -7.92 -6.27 3.26
CA PRO A 14 -6.86 -6.50 4.27
C PRO A 14 -5.58 -5.72 3.91
N ALA A 15 -4.82 -5.33 4.90
CA ALA A 15 -3.56 -4.56 4.63
C ALA A 15 -2.58 -5.41 3.79
N PRO A 16 -2.08 -4.82 2.73
CA PRO A 16 -1.13 -5.53 1.83
C PRO A 16 0.25 -5.67 2.52
N ALA A 17 1.01 -6.67 2.14
CA ALA A 17 2.36 -6.87 2.76
C ALA A 17 3.31 -5.75 2.31
N PRO A 18 4.28 -5.46 3.15
CA PRO A 18 5.28 -4.40 2.84
C PRO A 18 6.22 -4.85 1.72
N VAL A 19 6.48 -4.00 0.76
CA VAL A 19 7.40 -4.36 -0.36
C VAL A 19 8.86 -4.28 0.10
N ARG A 20 9.74 -5.03 -0.52
CA ARG A 20 11.18 -4.99 -0.13
C ARG A 20 11.81 -3.64 -0.51
N ARG A 21 12.85 -3.25 0.18
CA ARG A 21 13.52 -1.93 -0.13
C ARG A 21 14.89 -2.14 -0.81
N ARG A 22 15.24 -3.36 -1.13
CA ARG A 22 16.57 -3.62 -1.77
C ARG A 22 16.72 -2.87 -3.11
N ALA A 25 16.83 1.33 -2.49
CA ALA A 25 18.09 1.88 -1.91
C ALA A 25 19.14 2.07 -3.02
N ASN A 26 19.08 1.27 -4.06
CA ASN A 26 20.05 1.40 -5.17
C ASN A 26 19.50 2.37 -6.25
N TYR A 27 18.21 2.36 -6.45
CA TYR A 27 17.61 3.27 -7.48
C TYR A 27 17.70 4.74 -7.03
N ARG A 28 17.56 5.01 -5.76
CA ARG A 28 17.64 6.42 -5.27
C ARG A 28 19.05 6.98 -5.46
N ALA A 29 20.06 6.15 -5.36
CA ALA A 29 21.47 6.64 -5.56
C ALA A 29 21.67 7.10 -7.01
N TYR A 30 20.99 6.48 -7.95
CA TYR A 30 21.13 6.87 -9.38
C TYR A 30 20.25 8.11 -9.67
N ALA A 31 19.11 8.22 -9.03
CA ALA A 31 18.22 9.39 -9.27
C ALA A 31 18.74 10.62 -8.51
N THR A 32 18.97 10.49 -7.23
CA THR A 32 19.48 11.65 -6.43
C THR A 32 20.96 11.44 -6.07
N MET A 1 -14.03 13.16 6.01
CA MET A 1 -13.48 12.15 5.06
C MET A 1 -13.97 12.45 3.63
N ALA A 2 -13.27 11.97 2.65
CA ALA A 2 -13.69 12.22 1.24
C ALA A 2 -14.61 11.08 0.76
N ASP A 3 -15.26 11.25 -0.37
CA ASP A 3 -16.16 10.18 -0.88
C ASP A 3 -15.36 8.89 -1.16
N GLU A 4 -14.09 9.01 -1.44
CA GLU A 4 -13.25 7.80 -1.70
C GLU A 4 -13.04 7.00 -0.40
N SER A 5 -13.20 7.64 0.75
CA SER A 5 -13.01 6.93 2.06
C SER A 5 -14.17 5.94 2.31
N SER A 6 -15.21 5.97 1.50
CA SER A 6 -16.35 5.02 1.71
C SER A 6 -15.85 3.57 1.62
N ASP A 7 -14.73 3.34 0.99
CA ASP A 7 -14.16 1.96 0.89
C ASP A 7 -13.98 1.34 2.28
N ALA A 8 -13.64 2.14 3.27
CA ALA A 8 -13.46 1.61 4.66
C ALA A 8 -14.82 1.41 5.32
N ALA A 9 -15.76 2.30 5.07
CA ALA A 9 -17.12 2.17 5.67
C ALA A 9 -17.87 0.99 5.03
N GLY A 10 -17.60 0.70 3.78
CA GLY A 10 -18.29 -0.44 3.11
C GLY A 10 -17.48 -1.72 3.32
N GLU A 11 -16.84 -2.22 2.27
CA GLU A 11 -16.02 -3.47 2.41
C GLU A 11 -14.53 -3.11 2.60
N PRO A 12 -14.05 -3.34 3.79
CA PRO A 12 -12.62 -3.05 4.10
C PRO A 12 -11.70 -4.07 3.43
N GLN A 13 -10.69 -3.61 2.72
CA GLN A 13 -9.76 -4.55 2.04
C GLN A 13 -8.63 -4.97 2.99
N PRO A 14 -8.09 -6.15 2.76
CA PRO A 14 -6.99 -6.67 3.61
C PRO A 14 -5.69 -5.89 3.33
N ALA A 15 -4.98 -5.50 4.37
CA ALA A 15 -3.72 -4.74 4.16
C ALA A 15 -2.63 -5.64 3.56
N PRO A 16 -2.04 -5.19 2.48
CA PRO A 16 -0.97 -5.98 1.81
C PRO A 16 0.36 -5.83 2.54
N ALA A 17 1.18 -6.85 2.54
CA ALA A 17 2.50 -6.76 3.23
C ALA A 17 3.42 -5.79 2.46
N PRO A 18 4.14 -4.98 3.20
CA PRO A 18 5.05 -3.99 2.56
C PRO A 18 6.27 -4.69 1.94
N VAL A 19 6.54 -4.38 0.69
CA VAL A 19 7.70 -5.00 -0.01
C VAL A 19 8.98 -4.20 0.27
N ARG A 20 10.13 -4.83 0.21
CA ARG A 20 11.41 -4.10 0.48
C ARG A 20 11.65 -3.04 -0.61
N ARG A 21 12.23 -1.92 -0.23
CA ARG A 21 12.49 -0.85 -1.23
C ARG A 21 13.98 -0.80 -1.65
N ARG A 22 14.78 -1.74 -1.20
CA ARG A 22 16.24 -1.71 -1.56
C ARG A 22 16.43 -1.79 -3.10
N ALA A 25 13.15 0.88 -5.06
CA ALA A 25 13.34 2.36 -4.97
C ALA A 25 14.40 2.81 -5.97
N ASN A 26 15.39 1.99 -6.23
CA ASN A 26 16.46 2.37 -7.20
C ASN A 26 15.95 2.17 -8.63
N TYR A 27 15.11 1.19 -8.86
CA TYR A 27 14.58 0.97 -10.24
C TYR A 27 13.47 2.00 -10.55
N ARG A 28 12.68 2.35 -9.57
CA ARG A 28 11.60 3.36 -9.81
C ARG A 28 12.21 4.76 -10.00
N ALA A 29 13.41 4.98 -9.50
CA ALA A 29 14.07 6.32 -9.65
C ALA A 29 14.22 6.67 -11.14
N TYR A 30 14.43 5.69 -11.98
CA TYR A 30 14.56 5.97 -13.45
C TYR A 30 13.24 6.46 -14.04
N ALA A 31 12.13 5.98 -13.54
CA ALA A 31 10.80 6.41 -14.07
C ALA A 31 10.25 7.58 -13.24
N THR A 32 10.19 7.42 -11.95
CA THR A 32 9.66 8.53 -11.08
C THR A 32 10.80 9.20 -10.31
N MET A 1 -21.10 1.44 -7.20
CA MET A 1 -21.37 2.49 -6.17
C MET A 1 -21.27 3.89 -6.78
N ALA A 2 -21.90 4.86 -6.17
CA ALA A 2 -21.85 6.25 -6.71
C ALA A 2 -20.66 7.01 -6.12
N ASP A 3 -20.50 6.95 -4.82
CA ASP A 3 -19.35 7.66 -4.17
C ASP A 3 -18.13 6.73 -4.09
N GLU A 4 -16.95 7.29 -3.99
CA GLU A 4 -15.72 6.44 -3.92
C GLU A 4 -15.41 6.04 -2.46
N SER A 5 -16.23 6.45 -1.52
CA SER A 5 -15.96 6.09 -0.10
C SER A 5 -16.63 4.75 0.26
N SER A 6 -17.35 4.14 -0.67
CA SER A 6 -18.01 2.83 -0.37
C SER A 6 -16.96 1.77 -0.03
N ASP A 7 -15.71 2.00 -0.39
CA ASP A 7 -14.63 1.01 -0.08
C ASP A 7 -14.51 0.80 1.43
N ALA A 8 -14.74 1.82 2.21
CA ALA A 8 -14.64 1.68 3.70
C ALA A 8 -16.03 1.38 4.29
N ALA A 9 -17.06 1.97 3.72
CA ALA A 9 -18.45 1.71 4.23
C ALA A 9 -18.89 0.28 3.90
N GLY A 10 -18.40 -0.28 2.82
CA GLY A 10 -18.80 -1.66 2.43
C GLY A 10 -17.78 -2.66 3.01
N GLU A 11 -17.20 -3.49 2.17
CA GLU A 11 -16.21 -4.48 2.67
C GLU A 11 -14.77 -3.91 2.61
N PRO A 12 -14.15 -3.81 3.77
CA PRO A 12 -12.77 -3.27 3.85
C PRO A 12 -11.75 -4.31 3.35
N GLN A 13 -10.83 -3.89 2.53
CA GLN A 13 -9.80 -4.85 1.99
C GLN A 13 -8.66 -5.04 3.01
N PRO A 14 -8.02 -6.18 2.94
CA PRO A 14 -6.89 -6.50 3.86
C PRO A 14 -5.66 -5.67 3.51
N ALA A 15 -4.91 -5.23 4.50
CA ALA A 15 -3.69 -4.41 4.23
C ALA A 15 -2.60 -5.27 3.55
N PRO A 16 -2.07 -4.75 2.46
CA PRO A 16 -1.01 -5.48 1.71
C PRO A 16 0.32 -5.48 2.48
N ALA A 17 1.03 -6.57 2.46
CA ALA A 17 2.34 -6.63 3.19
C ALA A 17 3.42 -5.86 2.42
N PRO A 18 4.28 -5.18 3.17
CA PRO A 18 5.37 -4.39 2.54
C PRO A 18 6.46 -5.32 1.98
N VAL A 19 6.97 -5.01 0.81
CA VAL A 19 8.03 -5.86 0.20
C VAL A 19 9.41 -5.52 0.80
N ARG A 20 10.31 -6.47 0.84
CA ARG A 20 11.66 -6.20 1.42
C ARG A 20 12.49 -5.34 0.46
N ARG A 21 13.25 -4.42 1.00
CA ARG A 21 14.09 -3.52 0.14
C ARG A 21 15.59 -3.87 0.25
N ARG A 22 15.93 -4.94 0.95
CA ARG A 22 17.38 -5.31 1.11
C ARG A 22 18.06 -5.57 -0.25
N ALA A 25 17.07 -1.79 -2.67
CA ALA A 25 17.76 -0.54 -2.20
C ALA A 25 19.28 -0.69 -2.35
N ASN A 26 19.80 -1.87 -2.15
CA ASN A 26 21.27 -2.09 -2.30
C ASN A 26 21.66 -2.15 -3.78
N TYR A 27 20.81 -2.70 -4.61
CA TYR A 27 21.12 -2.78 -6.07
C TYR A 27 20.95 -1.40 -6.73
N ARG A 28 19.98 -0.62 -6.29
CA ARG A 28 19.78 0.73 -6.90
C ARG A 28 20.81 1.73 -6.35
N ALA A 29 21.34 1.49 -5.17
CA ALA A 29 22.35 2.42 -4.58
C ALA A 29 23.58 2.54 -5.51
N TYR A 30 23.88 1.49 -6.24
CA TYR A 30 25.04 1.53 -7.18
C TYR A 30 24.73 2.44 -8.38
N ALA A 31 23.49 2.47 -8.81
CA ALA A 31 23.12 3.33 -9.98
C ALA A 31 22.66 4.71 -9.49
N THR A 32 21.72 4.75 -8.57
CA THR A 32 21.22 6.06 -8.04
C THR A 32 21.75 6.30 -6.62
N MET A 1 -24.14 8.66 2.78
CA MET A 1 -24.84 8.13 1.57
C MET A 1 -24.20 6.82 1.11
N ALA A 2 -24.86 6.09 0.23
CA ALA A 2 -24.28 4.80 -0.26
C ALA A 2 -23.56 5.02 -1.60
N ASP A 3 -22.44 5.70 -1.57
CA ASP A 3 -21.69 5.96 -2.83
C ASP A 3 -20.51 4.97 -2.97
N GLU A 4 -19.51 5.31 -3.76
CA GLU A 4 -18.34 4.39 -3.94
C GLU A 4 -17.53 4.24 -2.63
N SER A 5 -17.74 5.10 -1.66
CA SER A 5 -16.98 4.99 -0.37
C SER A 5 -17.51 3.83 0.50
N SER A 6 -18.53 3.13 0.04
CA SER A 6 -19.07 1.99 0.84
C SER A 6 -17.97 0.93 1.07
N ASP A 7 -16.95 0.92 0.25
CA ASP A 7 -15.84 -0.06 0.41
C ASP A 7 -15.18 0.08 1.80
N ALA A 8 -15.14 1.28 2.33
CA ALA A 8 -14.52 1.48 3.67
C ALA A 8 -15.59 1.35 4.77
N ALA A 9 -16.79 1.80 4.51
CA ALA A 9 -17.88 1.71 5.54
C ALA A 9 -18.37 0.25 5.68
N GLY A 10 -18.31 -0.52 4.62
CA GLY A 10 -18.77 -1.94 4.69
C GLY A 10 -17.59 -2.84 5.06
N GLU A 11 -17.18 -3.71 4.15
CA GLU A 11 -16.04 -4.62 4.45
C GLU A 11 -14.73 -4.03 3.89
N PRO A 12 -13.83 -3.68 4.79
CA PRO A 12 -12.53 -3.09 4.38
C PRO A 12 -11.63 -4.17 3.76
N GLN A 13 -10.90 -3.81 2.72
CA GLN A 13 -9.99 -4.80 2.07
C GLN A 13 -8.73 -5.04 2.92
N PRO A 14 -8.15 -6.21 2.76
CA PRO A 14 -6.92 -6.56 3.53
C PRO A 14 -5.71 -5.77 3.01
N ALA A 15 -4.94 -5.20 3.90
CA ALA A 15 -3.74 -4.41 3.47
C ALA A 15 -2.61 -5.35 3.01
N PRO A 16 -1.97 -4.98 1.92
CA PRO A 16 -0.85 -5.80 1.37
C PRO A 16 0.39 -5.70 2.27
N ALA A 17 1.12 -6.78 2.41
CA ALA A 17 2.34 -6.75 3.28
C ALA A 17 3.44 -5.89 2.63
N PRO A 18 4.01 -5.01 3.42
CA PRO A 18 5.09 -4.12 2.91
C PRO A 18 6.39 -4.91 2.71
N VAL A 19 7.22 -4.47 1.79
CA VAL A 19 8.51 -5.18 1.53
C VAL A 19 9.56 -4.75 2.56
N ARG A 20 10.54 -5.60 2.80
CA ARG A 20 11.60 -5.25 3.81
C ARG A 20 12.44 -4.07 3.30
N ARG A 21 12.87 -3.21 4.18
CA ARG A 21 13.70 -2.03 3.76
C ARG A 21 15.18 -2.20 4.21
N ARG A 22 15.51 -3.33 4.80
CA ARG A 22 16.93 -3.55 5.26
C ARG A 22 17.90 -3.62 4.07
N ALA A 25 17.60 0.60 2.71
CA ALA A 25 18.02 1.71 3.64
C ALA A 25 19.48 1.53 4.07
N ASN A 26 19.93 0.31 4.23
CA ASN A 26 21.35 0.08 4.64
C ASN A 26 22.30 0.26 3.45
N TYR A 27 21.84 -0.02 2.25
CA TYR A 27 22.73 0.13 1.06
C TYR A 27 22.81 1.61 0.65
N ARG A 28 21.74 2.35 0.79
CA ARG A 28 21.77 3.80 0.40
C ARG A 28 22.36 4.65 1.54
N ALA A 29 22.29 4.18 2.77
CA ALA A 29 22.85 4.97 3.91
C ALA A 29 24.36 5.22 3.71
N TYR A 30 25.03 4.32 3.03
CA TYR A 30 26.50 4.51 2.79
C TYR A 30 26.73 5.66 1.79
N ALA A 31 25.86 5.81 0.83
CA ALA A 31 26.02 6.91 -0.18
C ALA A 31 25.30 8.18 0.31
N THR A 32 24.05 8.07 0.69
CA THR A 32 23.31 9.27 1.17
C THR A 32 23.12 9.20 2.70
N MET A 1 -20.52 5.71 -5.59
CA MET A 1 -20.51 6.38 -4.25
C MET A 1 -20.21 7.89 -4.39
N ALA A 2 -20.63 8.68 -3.44
CA ALA A 2 -20.38 10.15 -3.51
C ALA A 2 -19.05 10.49 -2.83
N ASP A 3 -18.89 10.09 -1.60
CA ASP A 3 -17.61 10.40 -0.87
C ASP A 3 -16.61 9.25 -1.07
N GLU A 4 -15.34 9.51 -0.84
CA GLU A 4 -14.30 8.45 -1.01
C GLU A 4 -14.03 7.72 0.33
N SER A 5 -14.77 8.04 1.37
CA SER A 5 -14.55 7.36 2.68
C SER A 5 -15.48 6.14 2.84
N SER A 6 -16.33 5.89 1.87
CA SER A 6 -17.25 4.71 1.96
C SER A 6 -16.43 3.41 2.03
N ASP A 7 -15.19 3.44 1.59
CA ASP A 7 -14.32 2.22 1.63
C ASP A 7 -14.24 1.65 3.06
N ALA A 8 -14.26 2.50 4.05
CA ALA A 8 -14.20 2.02 5.47
C ALA A 8 -15.59 1.65 5.97
N ALA A 9 -16.61 2.36 5.53
CA ALA A 9 -18.00 2.04 5.97
C ALA A 9 -18.50 0.73 5.33
N GLY A 10 -18.04 0.41 4.15
CA GLY A 10 -18.48 -0.84 3.47
C GLY A 10 -17.54 -1.99 3.87
N GLU A 11 -17.11 -2.78 2.92
CA GLU A 11 -16.20 -3.91 3.24
C GLU A 11 -14.72 -3.46 3.13
N PRO A 12 -14.04 -3.49 4.25
CA PRO A 12 -12.61 -3.08 4.29
C PRO A 12 -11.72 -4.14 3.64
N GLN A 13 -10.83 -3.72 2.77
CA GLN A 13 -9.91 -4.70 2.08
C GLN A 13 -8.69 -5.02 2.97
N PRO A 14 -8.14 -6.19 2.75
CA PRO A 14 -6.94 -6.62 3.55
C PRO A 14 -5.70 -5.83 3.13
N ALA A 15 -4.97 -5.31 4.09
CA ALA A 15 -3.74 -4.52 3.76
C ALA A 15 -2.61 -5.45 3.25
N PRO A 16 -2.01 -5.07 2.16
CA PRO A 16 -0.92 -5.88 1.56
C PRO A 16 0.38 -5.75 2.40
N ALA A 17 1.17 -6.79 2.44
CA ALA A 17 2.44 -6.73 3.24
C ALA A 17 3.48 -5.84 2.53
N PRO A 18 4.12 -5.00 3.30
CA PRO A 18 5.15 -4.09 2.73
C PRO A 18 6.42 -4.85 2.37
N VAL A 19 7.08 -4.46 1.31
CA VAL A 19 8.35 -5.16 0.89
C VAL A 19 9.53 -4.63 1.71
N ARG A 20 10.49 -5.48 1.99
CA ARG A 20 11.69 -5.04 2.78
C ARG A 20 12.53 -4.05 1.97
N ARG A 21 13.03 -3.02 2.60
CA ARG A 21 13.86 -2.00 1.88
C ARG A 21 15.35 -2.10 2.28
N ARG A 22 15.73 -3.10 3.04
CA ARG A 22 17.16 -3.23 3.46
C ARG A 22 18.10 -3.35 2.25
N ALA A 25 16.62 -0.03 -0.70
CA ALA A 25 16.90 1.38 -0.29
C ALA A 25 18.42 1.65 -0.33
N ASN A 26 19.21 0.66 -0.02
CA ASN A 26 20.69 0.83 -0.04
C ASN A 26 21.20 0.74 -1.48
N TYR A 27 20.59 -0.08 -2.30
CA TYR A 27 21.03 -0.21 -3.72
C TYR A 27 20.62 1.04 -4.51
N ARG A 28 19.47 1.62 -4.20
CA ARG A 28 19.03 2.84 -4.94
C ARG A 28 19.88 4.05 -4.52
N ALA A 29 20.48 4.01 -3.35
CA ALA A 29 21.33 5.16 -2.89
C ALA A 29 22.50 5.39 -3.85
N TYR A 30 22.94 4.35 -4.53
CA TYR A 30 24.06 4.51 -5.49
C TYR A 30 23.60 5.29 -6.73
N ALA A 31 22.36 5.13 -7.12
CA ALA A 31 21.84 5.85 -8.32
C ALA A 31 21.14 7.16 -7.90
N THR A 32 20.22 7.09 -6.97
CA THR A 32 19.51 8.33 -6.52
C THR A 32 20.01 8.75 -5.12
N MET A 1 -24.81 12.70 3.14
CA MET A 1 -24.00 12.58 1.89
C MET A 1 -23.17 11.29 1.91
N ALA A 2 -22.61 10.91 0.78
CA ALA A 2 -21.78 9.66 0.74
C ALA A 2 -20.31 10.00 1.02
N ASP A 3 -19.83 9.70 2.20
CA ASP A 3 -18.41 10.00 2.55
C ASP A 3 -17.49 8.87 2.08
N GLU A 4 -16.23 9.16 1.88
CA GLU A 4 -15.26 8.12 1.42
C GLU A 4 -14.70 7.31 2.60
N SER A 5 -15.15 7.57 3.81
CA SER A 5 -14.63 6.80 4.99
C SER A 5 -15.52 5.58 5.28
N SER A 6 -16.64 5.45 4.60
CA SER A 6 -17.54 4.28 4.83
C SER A 6 -16.81 2.96 4.50
N ASP A 7 -15.75 3.04 3.71
CA ASP A 7 -14.98 1.80 3.35
C ASP A 7 -14.52 1.05 4.61
N ALA A 8 -14.24 1.77 5.69
CA ALA A 8 -13.81 1.09 6.95
C ALA A 8 -15.02 0.60 7.74
N ALA A 9 -16.09 1.36 7.75
CA ALA A 9 -17.32 0.94 8.50
C ALA A 9 -18.01 -0.22 7.76
N GLY A 10 -17.91 -0.27 6.46
CA GLY A 10 -18.57 -1.38 5.69
C GLY A 10 -17.60 -2.56 5.57
N GLU A 11 -17.24 -2.92 4.36
CA GLU A 11 -16.30 -4.08 4.16
C GLU A 11 -14.87 -3.57 3.94
N PRO A 12 -14.03 -3.73 4.96
CA PRO A 12 -12.62 -3.29 4.86
C PRO A 12 -11.81 -4.25 3.99
N GLN A 13 -10.93 -3.74 3.17
CA GLN A 13 -10.10 -4.63 2.29
C GLN A 13 -8.78 -4.97 2.98
N PRO A 14 -8.24 -6.13 2.65
CA PRO A 14 -6.95 -6.58 3.26
C PRO A 14 -5.78 -5.75 2.69
N ALA A 15 -4.95 -5.22 3.56
CA ALA A 15 -3.78 -4.41 3.08
C ALA A 15 -2.59 -5.33 2.76
N PRO A 16 -1.90 -5.01 1.68
CA PRO A 16 -0.72 -5.81 1.27
C PRO A 16 0.46 -5.57 2.21
N ALA A 17 1.13 -6.62 2.62
CA ALA A 17 2.30 -6.46 3.54
C ALA A 17 3.54 -5.97 2.77
N PRO A 18 4.14 -4.92 3.27
CA PRO A 18 5.35 -4.34 2.62
C PRO A 18 6.59 -5.21 2.89
N VAL A 19 7.42 -5.39 1.90
CA VAL A 19 8.65 -6.22 2.08
C VAL A 19 9.72 -5.43 2.85
N ARG A 20 10.50 -6.09 3.67
CA ARG A 20 11.56 -5.37 4.45
C ARG A 20 12.81 -5.15 3.57
N ARG A 21 13.52 -4.07 3.80
CA ARG A 21 14.75 -3.79 3.00
C ARG A 21 16.02 -3.97 3.86
N ARG A 22 15.88 -4.37 5.11
CA ARG A 22 17.08 -4.54 5.99
C ARG A 22 17.92 -5.76 5.57
N ALA A 25 19.79 -4.29 1.79
CA ALA A 25 20.78 -3.18 1.85
C ALA A 25 21.98 -3.56 2.74
N ASN A 26 21.73 -4.32 3.78
CA ASN A 26 22.84 -4.74 4.69
C ASN A 26 23.60 -5.92 4.09
N TYR A 27 22.93 -6.78 3.36
CA TYR A 27 23.63 -7.96 2.76
C TYR A 27 24.49 -7.50 1.56
N ARG A 28 24.03 -6.53 0.80
CA ARG A 28 24.83 -6.05 -0.36
C ARG A 28 26.03 -5.21 0.11
N ALA A 29 25.97 -4.66 1.30
CA ALA A 29 27.10 -3.83 1.82
C ALA A 29 28.40 -4.66 1.89
N TYR A 30 28.30 -5.95 2.10
CA TYR A 30 29.52 -6.80 2.18
C TYR A 30 30.15 -6.96 0.78
N ALA A 31 29.35 -7.01 -0.26
CA ALA A 31 29.91 -7.16 -1.64
C ALA A 31 30.11 -5.78 -2.29
N THR A 32 29.09 -4.96 -2.31
CA THR A 32 29.23 -3.60 -2.93
C THR A 32 29.27 -2.51 -1.84
N MET A 1 -20.84 12.99 3.33
CA MET A 1 -19.72 13.66 2.61
C MET A 1 -18.95 12.64 1.75
N ALA A 2 -18.17 13.12 0.80
CA ALA A 2 -17.39 12.18 -0.06
C ALA A 2 -15.94 12.08 0.45
N ASP A 3 -15.75 11.51 1.61
CA ASP A 3 -14.37 11.37 2.15
C ASP A 3 -13.75 10.02 1.74
N GLU A 4 -12.45 9.95 1.65
CA GLU A 4 -11.79 8.67 1.25
C GLU A 4 -11.67 7.69 2.43
N SER A 5 -12.18 8.05 3.59
CA SER A 5 -12.08 7.12 4.76
C SER A 5 -13.34 6.24 4.86
N SER A 6 -14.37 6.51 4.09
CA SER A 6 -15.61 5.67 4.14
C SER A 6 -15.29 4.22 3.76
N ASP A 7 -14.18 4.01 3.07
CA ASP A 7 -13.79 2.62 2.67
C ASP A 7 -13.71 1.70 3.89
N ALA A 8 -13.34 2.24 5.03
CA ALA A 8 -13.25 1.39 6.27
C ALA A 8 -14.65 1.14 6.85
N ALA A 9 -15.53 2.11 6.72
CA ALA A 9 -16.92 1.93 7.26
C ALA A 9 -17.69 0.91 6.41
N GLY A 10 -17.39 0.83 5.13
CA GLY A 10 -18.10 -0.15 4.25
C GLY A 10 -17.35 -1.47 4.25
N GLU A 11 -16.84 -1.90 3.12
CA GLU A 11 -16.08 -3.19 3.06
C GLU A 11 -14.57 -2.92 3.12
N PRO A 12 -13.98 -3.23 4.26
CA PRO A 12 -12.52 -3.02 4.45
C PRO A 12 -11.72 -4.06 3.67
N GLN A 13 -10.72 -3.63 2.95
CA GLN A 13 -9.88 -4.59 2.16
C GLN A 13 -8.66 -5.03 2.98
N PRO A 14 -8.14 -6.20 2.67
CA PRO A 14 -6.96 -6.73 3.40
C PRO A 14 -5.71 -5.92 3.05
N ALA A 15 -4.98 -5.48 4.04
CA ALA A 15 -3.74 -4.67 3.77
C ALA A 15 -2.61 -5.59 3.27
N PRO A 16 -2.01 -5.19 2.16
CA PRO A 16 -0.90 -5.99 1.58
C PRO A 16 0.39 -5.81 2.39
N ALA A 17 1.17 -6.86 2.53
CA ALA A 17 2.45 -6.75 3.30
C ALA A 17 3.45 -5.86 2.55
N PRO A 18 4.01 -4.90 3.24
CA PRO A 18 4.99 -3.98 2.62
C PRO A 18 6.34 -4.68 2.38
N VAL A 19 6.91 -4.51 1.22
CA VAL A 19 8.23 -5.15 0.91
C VAL A 19 9.38 -4.31 1.48
N ARG A 20 10.46 -4.93 1.87
CA ARG A 20 11.61 -4.16 2.44
C ARG A 20 12.29 -3.32 1.35
N ARG A 21 12.61 -2.08 1.66
CA ARG A 21 13.27 -1.19 0.64
C ARG A 21 14.75 -0.94 0.99
N ARG A 22 15.28 -1.60 1.99
CA ARG A 22 16.72 -1.37 2.37
C ARG A 22 17.66 -1.70 1.20
N ALA A 25 15.62 0.63 -2.37
CA ALA A 25 15.68 2.13 -2.27
C ALA A 25 17.14 2.61 -2.18
N ASN A 26 18.00 1.83 -1.57
CA ASN A 26 19.43 2.25 -1.46
C ASN A 26 20.18 1.98 -2.78
N TYR A 27 19.83 0.91 -3.48
CA TYR A 27 20.52 0.62 -4.78
C TYR A 27 19.99 1.57 -5.87
N ARG A 28 18.72 1.90 -5.84
CA ARG A 28 18.17 2.84 -6.85
C ARG A 28 18.64 4.28 -6.57
N ALA A 29 19.06 4.54 -5.34
CA ALA A 29 19.54 5.92 -5.00
C ALA A 29 20.86 6.21 -5.74
N TYR A 30 21.62 5.18 -6.05
CA TYR A 30 22.91 5.38 -6.78
C TYR A 30 22.68 5.32 -8.29
N ALA A 31 21.76 4.50 -8.73
CA ALA A 31 21.49 4.40 -10.20
C ALA A 31 20.52 5.50 -10.65
N THR A 32 19.38 5.61 -10.01
CA THR A 32 18.40 6.66 -10.41
C THR A 32 18.38 7.81 -9.37
N MET A 1 -26.51 8.68 -5.89
CA MET A 1 -26.20 8.46 -4.45
C MET A 1 -24.78 7.89 -4.29
N ALA A 2 -24.22 7.96 -3.09
CA ALA A 2 -22.85 7.43 -2.87
C ALA A 2 -22.90 6.04 -2.22
N ASP A 3 -23.52 5.09 -2.88
CA ASP A 3 -23.61 3.71 -2.31
C ASP A 3 -22.27 2.95 -2.51
N GLU A 4 -21.42 3.44 -3.37
CA GLU A 4 -20.10 2.77 -3.62
C GLU A 4 -19.19 2.87 -2.39
N SER A 5 -19.43 3.85 -1.52
CA SER A 5 -18.57 4.00 -0.30
C SER A 5 -18.83 2.87 0.71
N SER A 6 -19.83 2.04 0.47
CA SER A 6 -20.13 0.91 1.42
C SER A 6 -18.91 -0.03 1.53
N ASP A 7 -17.98 0.04 0.60
CA ASP A 7 -16.76 -0.83 0.65
C ASP A 7 -15.99 -0.60 1.96
N ALA A 8 -15.95 0.61 2.45
CA ALA A 8 -15.22 0.91 3.71
C ALA A 8 -16.13 0.67 4.92
N ALA A 9 -17.40 1.00 4.79
CA ALA A 9 -18.36 0.79 5.92
C ALA A 9 -18.66 -0.71 6.09
N GLY A 10 -18.62 -1.47 5.02
CA GLY A 10 -18.90 -2.92 5.10
C GLY A 10 -17.61 -3.70 5.33
N GLU A 11 -17.17 -4.46 4.35
CA GLU A 11 -15.91 -5.25 4.50
C GLU A 11 -14.71 -4.50 3.91
N PRO A 12 -13.82 -4.08 4.78
CA PRO A 12 -12.60 -3.34 4.33
C PRO A 12 -11.60 -4.31 3.72
N GLN A 13 -10.98 -3.95 2.63
CA GLN A 13 -9.98 -4.85 1.98
C GLN A 13 -8.73 -5.01 2.86
N PRO A 14 -8.13 -6.17 2.79
CA PRO A 14 -6.91 -6.45 3.61
C PRO A 14 -5.71 -5.65 3.09
N ALA A 15 -4.96 -5.04 3.97
CA ALA A 15 -3.78 -4.23 3.54
C ALA A 15 -2.66 -5.16 3.05
N PRO A 16 -2.01 -4.75 1.98
CA PRO A 16 -0.90 -5.55 1.39
C PRO A 16 0.34 -5.50 2.31
N ALA A 17 1.02 -6.61 2.48
CA ALA A 17 2.23 -6.63 3.34
C ALA A 17 3.40 -5.94 2.63
N PRO A 18 4.12 -5.12 3.37
CA PRO A 18 5.29 -4.39 2.80
C PRO A 18 6.47 -5.35 2.58
N VAL A 19 7.19 -5.16 1.50
CA VAL A 19 8.36 -6.04 1.22
C VAL A 19 9.56 -5.64 2.09
N ARG A 20 10.38 -6.58 2.48
CA ARG A 20 11.58 -6.26 3.32
C ARG A 20 12.64 -5.52 2.49
N ARG A 21 13.29 -4.55 3.08
CA ARG A 21 14.33 -3.78 2.35
C ARG A 21 15.76 -4.16 2.81
N ARG A 22 15.89 -5.17 3.63
CA ARG A 22 17.25 -5.57 4.12
C ARG A 22 18.18 -5.96 2.95
N ALA A 25 17.42 -2.66 -0.30
CA ALA A 25 17.98 -1.28 -0.03
C ALA A 25 19.51 -1.32 -0.07
N ASN A 26 20.11 -2.40 0.37
CA ASN A 26 21.59 -2.50 0.34
C ASN A 26 22.09 -2.71 -1.09
N TYR A 27 21.28 -3.31 -1.92
CA TYR A 27 21.70 -3.54 -3.35
C TYR A 27 21.50 -2.27 -4.18
N ARG A 28 20.47 -1.50 -3.88
CA ARG A 28 20.23 -0.24 -4.66
C ARG A 28 21.05 0.93 -4.07
N ALA A 29 21.55 0.79 -2.86
CA ALA A 29 22.36 1.89 -2.24
C ALA A 29 23.58 2.22 -3.09
N TYR A 30 24.11 1.27 -3.82
CA TYR A 30 25.31 1.54 -4.68
C TYR A 30 24.93 2.47 -5.83
N ALA A 31 23.72 2.34 -6.36
CA ALA A 31 23.30 3.22 -7.49
C ALA A 31 22.62 4.49 -6.94
N THR A 32 21.66 4.34 -6.07
CA THR A 32 20.96 5.52 -5.49
C THR A 32 21.38 5.73 -4.03
N MET A 1 -22.93 8.93 -1.36
CA MET A 1 -21.70 8.63 -0.57
C MET A 1 -20.47 8.58 -1.48
N ALA A 2 -20.21 9.66 -2.19
CA ALA A 2 -19.02 9.69 -3.10
C ALA A 2 -17.79 10.23 -2.36
N ASP A 3 -17.63 9.89 -1.11
CA ASP A 3 -16.46 10.37 -0.32
C ASP A 3 -15.39 9.27 -0.26
N GLU A 4 -14.18 9.65 0.06
CA GLU A 4 -13.07 8.63 0.14
C GLU A 4 -13.05 7.92 1.50
N SER A 5 -13.92 8.30 2.41
CA SER A 5 -13.94 7.62 3.75
C SER A 5 -14.83 6.38 3.73
N SER A 6 -15.60 6.17 2.68
CA SER A 6 -16.47 4.96 2.59
C SER A 6 -15.62 3.67 2.65
N ASP A 7 -14.34 3.77 2.35
CA ASP A 7 -13.44 2.58 2.39
C ASP A 7 -13.51 1.89 3.76
N ALA A 8 -13.68 2.64 4.82
CA ALA A 8 -13.76 2.03 6.18
C ALA A 8 -15.23 1.77 6.56
N ALA A 9 -16.12 2.61 6.11
CA ALA A 9 -17.57 2.41 6.44
C ALA A 9 -18.14 1.19 5.68
N GLY A 10 -17.62 0.91 4.51
CA GLY A 10 -18.12 -0.26 3.73
C GLY A 10 -17.27 -1.49 4.05
N GLU A 11 -16.95 -2.30 3.06
CA GLU A 11 -16.11 -3.51 3.32
C GLU A 11 -14.62 -3.15 3.22
N PRO A 12 -13.94 -3.26 4.35
CA PRO A 12 -12.49 -2.94 4.39
C PRO A 12 -11.66 -4.04 3.71
N GLN A 13 -10.77 -3.67 2.82
CA GLN A 13 -9.93 -4.68 2.12
C GLN A 13 -8.70 -5.05 2.96
N PRO A 14 -8.17 -6.22 2.73
CA PRO A 14 -6.98 -6.68 3.48
C PRO A 14 -5.73 -5.90 3.05
N ALA A 15 -4.96 -5.41 4.01
CA ALA A 15 -3.74 -4.63 3.66
C ALA A 15 -2.62 -5.57 3.18
N PRO A 16 -1.99 -5.20 2.09
CA PRO A 16 -0.89 -6.02 1.51
C PRO A 16 0.39 -5.87 2.35
N ALA A 17 1.20 -6.89 2.40
CA ALA A 17 2.47 -6.82 3.20
C ALA A 17 3.46 -5.83 2.55
N PRO A 18 4.03 -4.97 3.36
CA PRO A 18 4.99 -3.96 2.85
C PRO A 18 6.33 -4.61 2.48
N VAL A 19 6.89 -4.24 1.36
CA VAL A 19 8.21 -4.82 0.93
C VAL A 19 9.35 -4.12 1.69
N ARG A 20 10.45 -4.80 1.92
CA ARG A 20 11.58 -4.16 2.66
C ARG A 20 12.26 -3.10 1.78
N ARG A 21 12.76 -2.04 2.38
CA ARG A 21 13.42 -0.97 1.58
C ARG A 21 14.95 -0.99 1.77
N ARG A 22 15.47 -1.97 2.48
CA ARG A 22 16.95 -2.05 2.70
C ARG A 22 17.71 -2.17 1.37
N ALA A 25 15.47 0.65 -1.65
CA ALA A 25 15.64 2.12 -1.49
C ALA A 25 17.07 2.54 -1.84
N ASN A 26 18.03 1.70 -1.57
CA ASN A 26 19.45 2.03 -1.89
C ASN A 26 19.73 1.77 -3.38
N TYR A 27 19.11 0.77 -3.95
CA TYR A 27 19.34 0.47 -5.40
C TYR A 27 18.63 1.51 -6.28
N ARG A 28 17.48 1.98 -5.85
CA ARG A 28 16.75 3.01 -6.66
C ARG A 28 17.47 4.37 -6.58
N ALA A 29 18.22 4.60 -5.53
CA ALA A 29 18.93 5.91 -5.39
C ALA A 29 20.15 5.94 -6.33
N TYR A 30 20.72 4.79 -6.63
CA TYR A 30 21.91 4.75 -7.54
C TYR A 30 21.48 4.63 -9.01
N ALA A 31 20.40 3.93 -9.28
CA ALA A 31 19.94 3.78 -10.69
C ALA A 31 19.10 4.97 -11.13
N THR A 32 18.06 5.31 -10.39
CA THR A 32 17.20 6.47 -10.77
C THR A 32 17.48 7.67 -9.86
N MET A 1 -25.92 10.22 -3.62
CA MET A 1 -24.79 9.76 -4.47
C MET A 1 -23.91 8.75 -3.71
N ALA A 2 -23.01 8.10 -4.40
CA ALA A 2 -22.12 7.10 -3.72
C ALA A 2 -20.88 7.79 -3.18
N ASP A 3 -20.69 7.77 -1.89
CA ASP A 3 -19.48 8.44 -1.29
C ASP A 3 -18.27 7.48 -1.32
N GLU A 4 -17.09 8.03 -1.23
CA GLU A 4 -15.86 7.16 -1.25
C GLU A 4 -15.47 6.73 0.17
N SER A 5 -16.21 7.13 1.17
CA SER A 5 -15.87 6.72 2.57
C SER A 5 -16.49 5.35 2.91
N SER A 6 -17.38 4.85 2.07
CA SER A 6 -18.01 3.51 2.35
C SER A 6 -16.94 2.41 2.38
N ASP A 7 -15.78 2.68 1.84
CA ASP A 7 -14.68 1.66 1.83
C ASP A 7 -14.37 1.18 3.26
N ALA A 8 -14.49 2.05 4.23
CA ALA A 8 -14.22 1.65 5.65
C ALA A 8 -15.52 1.22 6.35
N ALA A 9 -16.60 1.91 6.08
CA ALA A 9 -17.91 1.55 6.72
C ALA A 9 -18.43 0.21 6.18
N GLY A 10 -18.13 -0.10 4.94
CA GLY A 10 -18.61 -1.39 4.35
C GLY A 10 -17.56 -2.48 4.61
N GLU A 11 -17.09 -3.14 3.58
CA GLU A 11 -16.07 -4.22 3.76
C GLU A 11 -14.66 -3.68 3.49
N PRO A 12 -13.88 -3.58 4.55
CA PRO A 12 -12.48 -3.08 4.41
C PRO A 12 -11.58 -4.14 3.76
N GLN A 13 -10.84 -3.76 2.75
CA GLN A 13 -9.94 -4.75 2.06
C GLN A 13 -8.70 -5.04 2.91
N PRO A 14 -8.14 -6.21 2.73
CA PRO A 14 -6.93 -6.61 3.50
C PRO A 14 -5.70 -5.82 3.03
N ALA A 15 -4.95 -5.25 3.95
CA ALA A 15 -3.74 -4.46 3.57
C ALA A 15 -2.62 -5.39 3.10
N PRO A 16 -2.00 -5.03 1.99
CA PRO A 16 -0.90 -5.85 1.44
C PRO A 16 0.36 -5.73 2.30
N ALA A 17 1.10 -6.81 2.45
CA ALA A 17 2.35 -6.76 3.28
C ALA A 17 3.40 -5.86 2.62
N PRO A 18 4.00 -5.01 3.41
CA PRO A 18 5.04 -4.08 2.89
C PRO A 18 6.34 -4.84 2.59
N VAL A 19 7.10 -4.38 1.63
CA VAL A 19 8.38 -5.07 1.28
C VAL A 19 9.51 -4.60 2.21
N ARG A 20 10.42 -5.49 2.51
CA ARG A 20 11.57 -5.12 3.42
C ARG A 20 12.47 -4.08 2.76
N ARG A 21 12.89 -3.08 3.51
CA ARG A 21 13.78 -2.02 2.95
C ARG A 21 15.21 -2.13 3.51
N ARG A 22 15.51 -3.18 4.25
CA ARG A 22 16.90 -3.33 4.82
C ARG A 22 17.97 -3.36 3.71
N ALA A 25 16.67 0.38 1.16
CA ALA A 25 16.85 1.69 1.85
C ALA A 25 18.30 1.88 2.28
N ASN A 26 18.97 0.81 2.66
CA ASN A 26 20.40 0.92 3.08
C ASN A 26 21.28 1.11 1.83
N TYR A 27 20.92 0.49 0.74
CA TYR A 27 21.73 0.64 -0.52
C TYR A 27 21.54 2.06 -1.08
N ARG A 28 20.36 2.61 -0.97
CA ARG A 28 20.12 3.98 -1.50
C ARG A 28 20.63 5.03 -0.50
N ALA A 29 20.53 4.76 0.79
CA ALA A 29 21.02 5.75 1.80
C ALA A 29 22.55 5.84 1.74
N TYR A 30 23.23 4.78 1.37
CA TYR A 30 24.71 4.81 1.29
C TYR A 30 25.17 5.20 -0.12
N ALA A 31 24.41 4.84 -1.14
CA ALA A 31 24.79 5.19 -2.54
C ALA A 31 24.41 6.64 -2.86
N THR A 32 23.18 7.03 -2.62
CA THR A 32 22.76 8.42 -2.91
C THR A 32 22.62 9.24 -1.62
N MET A 1 -20.52 8.28 3.50
CA MET A 1 -19.31 7.94 2.68
C MET A 1 -19.27 8.75 1.37
N ALA A 2 -19.79 9.96 1.38
CA ALA A 2 -19.77 10.80 0.14
C ALA A 2 -18.33 11.12 -0.26
N ASP A 3 -17.48 11.39 0.69
CA ASP A 3 -16.04 11.69 0.37
C ASP A 3 -15.28 10.38 0.16
N GLU A 4 -14.03 10.32 0.52
CA GLU A 4 -13.26 9.05 0.34
C GLU A 4 -13.36 8.16 1.59
N SER A 5 -14.52 8.14 2.21
CA SER A 5 -14.71 7.28 3.43
C SER A 5 -15.40 5.97 3.07
N SER A 6 -15.75 5.76 1.82
CA SER A 6 -16.41 4.47 1.43
C SER A 6 -15.47 3.29 1.72
N ASP A 7 -14.19 3.55 1.84
CA ASP A 7 -13.21 2.47 2.16
C ASP A 7 -13.55 1.83 3.52
N ALA A 8 -13.94 2.64 4.48
CA ALA A 8 -14.30 2.09 5.82
C ALA A 8 -15.81 1.85 5.92
N ALA A 9 -16.60 2.75 5.37
CA ALA A 9 -18.09 2.58 5.42
C ALA A 9 -18.53 1.39 4.55
N GLY A 10 -17.81 1.10 3.50
CA GLY A 10 -18.19 -0.04 2.61
C GLY A 10 -17.42 -1.29 3.03
N GLU A 11 -16.81 -1.98 2.10
CA GLU A 11 -16.05 -3.22 2.46
C GLU A 11 -14.54 -2.91 2.58
N PRO A 12 -14.02 -3.11 3.78
CA PRO A 12 -12.57 -2.87 4.03
C PRO A 12 -11.71 -3.98 3.41
N GLN A 13 -10.67 -3.63 2.72
CA GLN A 13 -9.79 -4.66 2.09
C GLN A 13 -8.65 -5.05 3.05
N PRO A 14 -8.09 -6.22 2.83
CA PRO A 14 -6.98 -6.71 3.67
C PRO A 14 -5.69 -5.92 3.37
N ALA A 15 -4.94 -5.57 4.38
CA ALA A 15 -3.67 -4.80 4.14
C ALA A 15 -2.60 -5.71 3.53
N PRO A 16 -2.02 -5.25 2.43
CA PRO A 16 -0.97 -6.04 1.75
C PRO A 16 0.37 -5.91 2.49
N ALA A 17 1.23 -6.89 2.36
CA ALA A 17 2.55 -6.83 3.06
C ALA A 17 3.44 -5.76 2.40
N PRO A 18 4.11 -4.98 3.23
CA PRO A 18 5.00 -3.90 2.72
C PRO A 18 6.26 -4.50 2.08
N VAL A 19 6.64 -3.99 0.94
CA VAL A 19 7.87 -4.50 0.25
C VAL A 19 9.09 -3.67 0.67
N ARG A 20 10.27 -4.26 0.62
CA ARG A 20 11.50 -3.50 1.01
C ARG A 20 11.78 -2.39 -0.01
N ARG A 21 12.32 -1.28 0.43
CA ARG A 21 12.62 -0.15 -0.50
C ARG A 21 14.12 -0.05 -0.80
N ARG A 22 14.92 -0.98 -0.35
CA ARG A 22 16.40 -0.91 -0.61
C ARG A 22 16.70 -0.92 -2.12
N ALA A 25 13.35 1.64 -4.21
CA ALA A 25 13.38 3.12 -4.05
C ALA A 25 14.46 3.73 -4.96
N ASN A 26 15.54 3.02 -5.19
CA ASN A 26 16.62 3.55 -6.07
C ASN A 26 16.17 3.47 -7.54
N TYR A 27 15.42 2.45 -7.89
CA TYR A 27 14.94 2.32 -9.31
C TYR A 27 13.84 3.35 -9.59
N ARG A 28 13.01 3.64 -8.62
CA ARG A 28 11.92 4.66 -8.84
C ARG A 28 12.47 6.07 -8.67
N ALA A 29 13.61 6.24 -8.04
CA ALA A 29 14.20 7.60 -7.86
C ALA A 29 14.40 8.30 -9.22
N TYR A 30 14.69 7.55 -10.25
CA TYR A 30 14.89 8.16 -11.60
C TYR A 30 13.57 8.78 -12.11
N ALA A 31 12.46 8.17 -11.79
CA ALA A 31 11.14 8.71 -12.24
C ALA A 31 10.55 9.64 -11.17
N THR A 32 10.47 9.18 -9.94
CA THR A 32 9.91 10.02 -8.84
C THR A 32 11.03 10.51 -7.91
N MET A 1 -16.68 7.42 -11.23
CA MET A 1 -15.84 6.64 -12.19
C MET A 1 -15.76 5.17 -11.75
N ALA A 2 -15.17 4.33 -12.57
CA ALA A 2 -15.05 2.88 -12.22
C ALA A 2 -13.66 2.58 -11.66
N ASP A 3 -13.36 3.07 -10.49
CA ASP A 3 -12.02 2.81 -9.88
C ASP A 3 -12.09 1.62 -8.92
N GLU A 4 -10.98 0.99 -8.65
CA GLU A 4 -10.98 -0.20 -7.74
C GLU A 4 -10.82 0.24 -6.27
N SER A 5 -10.59 1.51 -6.01
CA SER A 5 -10.45 1.97 -4.59
C SER A 5 -11.83 2.11 -3.91
N SER A 6 -12.88 2.15 -4.69
CA SER A 6 -14.26 2.28 -4.08
C SER A 6 -14.55 1.08 -3.17
N ASP A 7 -13.80 -0.01 -3.33
CA ASP A 7 -14.02 -1.21 -2.46
C ASP A 7 -13.95 -0.82 -0.97
N ALA A 8 -13.10 0.13 -0.63
CA ALA A 8 -12.98 0.56 0.80
C ALA A 8 -14.34 1.07 1.32
N ALA A 9 -15.11 1.72 0.48
CA ALA A 9 -16.45 2.22 0.93
C ALA A 9 -17.38 1.03 1.21
N GLY A 10 -17.21 -0.06 0.50
CA GLY A 10 -18.07 -1.26 0.72
C GLY A 10 -17.36 -2.20 1.70
N GLU A 11 -16.71 -3.21 1.18
CA GLU A 11 -15.97 -4.17 2.07
C GLU A 11 -14.50 -3.72 2.21
N PRO A 12 -14.06 -3.58 3.45
CA PRO A 12 -12.67 -3.15 3.71
C PRO A 12 -11.68 -4.25 3.27
N GLN A 13 -10.68 -3.88 2.51
CA GLN A 13 -9.68 -4.89 2.05
C GLN A 13 -8.55 -5.06 3.07
N PRO A 14 -7.95 -6.22 3.07
CA PRO A 14 -6.84 -6.51 4.02
C PRO A 14 -5.59 -5.73 3.64
N ALA A 15 -4.86 -5.24 4.63
CA ALA A 15 -3.62 -4.46 4.34
C ALA A 15 -2.59 -5.35 3.60
N PRO A 16 -2.08 -4.83 2.50
CA PRO A 16 -1.08 -5.58 1.69
C PRO A 16 0.27 -5.65 2.42
N ALA A 17 0.98 -6.73 2.28
CA ALA A 17 2.32 -6.86 2.95
C ALA A 17 3.31 -5.83 2.39
N PRO A 18 4.15 -5.32 3.25
CA PRO A 18 5.16 -4.31 2.83
C PRO A 18 6.26 -4.96 1.98
N VAL A 19 6.64 -4.31 0.90
CA VAL A 19 7.71 -4.89 0.01
C VAL A 19 9.09 -4.72 0.67
N ARG A 20 10.00 -5.61 0.41
CA ARG A 20 11.36 -5.50 1.03
C ARG A 20 12.09 -4.25 0.50
N ARG A 21 12.95 -3.67 1.29
CA ARG A 21 13.71 -2.47 0.83
C ARG A 21 15.20 -2.80 0.60
N ARG A 22 15.56 -4.06 0.69
CA ARG A 22 17.00 -4.44 0.47
C ARG A 22 17.44 -4.17 -0.98
N ALA A 25 16.44 0.37 -1.18
CA ALA A 25 17.19 1.32 -0.30
C ALA A 25 18.69 1.21 -0.58
N ASN A 26 19.18 0.03 -0.88
CA ASN A 26 20.64 -0.13 -1.17
C ASN A 26 20.93 0.37 -2.59
N TYR A 27 19.99 0.21 -3.50
CA TYR A 27 20.21 0.69 -4.90
C TYR A 27 20.15 2.22 -4.95
N ARG A 28 19.31 2.83 -4.14
CA ARG A 28 19.22 4.32 -4.13
C ARG A 28 20.35 4.92 -3.28
N ALA A 29 20.76 4.23 -2.23
CA ALA A 29 21.86 4.75 -1.36
C ALA A 29 23.17 4.88 -2.16
N TYR A 30 23.37 4.04 -3.15
CA TYR A 30 24.61 4.12 -3.98
C TYR A 30 24.46 5.23 -5.04
N ALA A 31 23.26 5.40 -5.55
CA ALA A 31 23.03 6.47 -6.57
C ALA A 31 22.93 7.84 -5.89
N THR A 32 22.11 7.95 -4.88
CA THR A 32 21.96 9.25 -4.16
C THR A 32 22.64 9.17 -2.79
N MET A 1 -23.57 5.11 -2.87
CA MET A 1 -23.08 5.78 -1.62
C MET A 1 -22.83 7.27 -1.86
N ALA A 2 -22.83 8.07 -0.81
CA ALA A 2 -22.60 9.54 -0.97
C ALA A 2 -21.11 9.86 -0.86
N ASP A 3 -20.46 9.41 0.19
CA ASP A 3 -19.00 9.69 0.37
C ASP A 3 -18.17 8.53 -0.19
N GLU A 4 -16.94 8.80 -0.56
CA GLU A 4 -16.06 7.73 -1.12
C GLU A 4 -15.34 6.96 0.00
N SER A 5 -15.54 7.33 1.24
CA SER A 5 -14.88 6.60 2.37
C SER A 5 -15.72 5.40 2.82
N SER A 6 -16.86 5.18 2.20
CA SER A 6 -17.73 4.02 2.59
C SER A 6 -16.95 2.71 2.39
N ASP A 7 -15.94 2.71 1.55
CA ASP A 7 -15.13 1.48 1.32
C ASP A 7 -14.52 0.97 2.65
N ALA A 8 -14.17 1.87 3.53
CA ALA A 8 -13.59 1.45 4.84
C ALA A 8 -14.71 1.17 5.86
N ALA A 9 -15.77 1.94 5.82
CA ALA A 9 -16.90 1.73 6.78
C ALA A 9 -17.69 0.47 6.39
N GLY A 10 -17.75 0.15 5.12
CA GLY A 10 -18.50 -1.07 4.67
C GLY A 10 -17.57 -2.29 4.71
N GLU A 11 -17.11 -2.73 3.57
CA GLU A 11 -16.19 -3.92 3.53
C GLU A 11 -14.72 -3.46 3.43
N PRO A 12 -14.01 -3.54 4.53
CA PRO A 12 -12.58 -3.13 4.55
C PRO A 12 -11.71 -4.14 3.79
N GLN A 13 -10.86 -3.66 2.91
CA GLN A 13 -9.98 -4.59 2.13
C GLN A 13 -8.73 -4.97 2.95
N PRO A 14 -8.18 -6.12 2.64
CA PRO A 14 -6.97 -6.61 3.36
C PRO A 14 -5.73 -5.81 2.93
N ALA A 15 -4.96 -5.35 3.89
CA ALA A 15 -3.73 -4.55 3.55
C ALA A 15 -2.59 -5.49 3.12
N PRO A 16 -1.96 -5.15 2.01
CA PRO A 16 -0.85 -5.98 1.48
C PRO A 16 0.42 -5.79 2.34
N ALA A 17 1.18 -6.84 2.54
CA ALA A 17 2.42 -6.71 3.37
C ALA A 17 3.49 -5.91 2.61
N PRO A 18 4.04 -4.92 3.28
CA PRO A 18 5.08 -4.07 2.65
C PRO A 18 6.42 -4.83 2.55
N VAL A 19 7.11 -4.67 1.44
CA VAL A 19 8.42 -5.39 1.29
C VAL A 19 9.52 -4.64 2.05
N ARG A 20 10.54 -5.33 2.48
CA ARG A 20 11.65 -4.67 3.23
C ARG A 20 12.47 -3.79 2.28
N ARG A 21 12.87 -2.62 2.73
CA ARG A 21 13.69 -1.71 1.85
C ARG A 21 15.13 -1.60 2.36
N ARG A 22 15.50 -2.36 3.37
CA ARG A 22 16.90 -2.27 3.91
C ARG A 22 17.93 -2.71 2.85
N ALA A 25 16.62 -0.30 -0.94
CA ALA A 25 16.86 1.17 -0.95
C ALA A 25 18.36 1.46 -0.92
N ASN A 26 19.13 0.64 -0.24
CA ASN A 26 20.61 0.86 -0.17
C ASN A 26 21.28 0.36 -1.46
N TYR A 27 20.73 -0.65 -2.08
CA TYR A 27 21.34 -1.18 -3.36
C TYR A 27 21.04 -0.23 -4.52
N ARG A 28 19.87 0.38 -4.53
CA ARG A 28 19.54 1.32 -5.64
C ARG A 28 20.24 2.67 -5.43
N ALA A 29 20.40 3.08 -4.19
CA ALA A 29 21.10 4.38 -3.92
C ALA A 29 22.58 4.26 -4.31
N TYR A 30 23.16 3.10 -4.13
CA TYR A 30 24.59 2.89 -4.52
C TYR A 30 24.71 2.76 -6.04
N ALA A 31 23.72 2.20 -6.68
CA ALA A 31 23.77 2.05 -8.17
C ALA A 31 23.63 3.42 -8.85
N THR A 32 22.80 4.29 -8.32
CA THR A 32 22.63 5.65 -8.94
C THR A 32 23.74 6.59 -8.47
N MET A 1 -21.81 -0.49 -8.20
CA MET A 1 -21.34 0.90 -7.93
C MET A 1 -20.66 1.50 -9.18
N ALA A 2 -20.54 2.80 -9.23
CA ALA A 2 -19.89 3.45 -10.41
C ALA A 2 -18.43 3.79 -10.09
N ASP A 3 -18.15 4.32 -8.92
CA ASP A 3 -16.75 4.67 -8.55
C ASP A 3 -16.06 3.48 -7.88
N GLU A 4 -14.76 3.47 -7.87
CA GLU A 4 -14.02 2.33 -7.23
C GLU A 4 -13.66 2.65 -5.77
N SER A 5 -14.11 3.76 -5.24
CA SER A 5 -13.79 4.12 -3.83
C SER A 5 -14.85 3.54 -2.87
N SER A 6 -15.99 3.11 -3.39
CA SER A 6 -17.05 2.53 -2.51
C SER A 6 -16.53 1.26 -1.81
N ASP A 7 -15.45 0.70 -2.28
CA ASP A 7 -14.88 -0.53 -1.65
C ASP A 7 -14.63 -0.31 -0.14
N ALA A 8 -14.21 0.87 0.24
CA ALA A 8 -13.96 1.15 1.70
C ALA A 8 -15.29 1.17 2.46
N ALA A 9 -16.33 1.72 1.87
CA ALA A 9 -17.66 1.76 2.54
C ALA A 9 -18.31 0.37 2.54
N GLY A 10 -18.04 -0.42 1.54
CA GLY A 10 -18.64 -1.79 1.47
C GLY A 10 -17.71 -2.80 2.17
N GLU A 11 -17.01 -3.59 1.41
CA GLU A 11 -16.08 -4.59 2.03
C GLU A 11 -14.65 -4.05 2.07
N PRO A 12 -14.17 -3.82 3.28
CA PRO A 12 -12.79 -3.29 3.47
C PRO A 12 -11.74 -4.34 3.09
N GLN A 13 -10.73 -3.94 2.38
CA GLN A 13 -9.66 -4.90 1.96
C GLN A 13 -8.60 -5.04 3.07
N PRO A 14 -7.93 -6.18 3.09
CA PRO A 14 -6.89 -6.44 4.11
C PRO A 14 -5.62 -5.61 3.81
N ALA A 15 -4.86 -5.29 4.82
CA ALA A 15 -3.62 -4.48 4.60
C ALA A 15 -2.59 -5.30 3.80
N PRO A 16 -2.09 -4.69 2.74
CA PRO A 16 -1.09 -5.37 1.88
C PRO A 16 0.28 -5.45 2.57
N ALA A 17 0.98 -6.54 2.40
CA ALA A 17 2.33 -6.68 3.05
C ALA A 17 3.37 -5.82 2.32
N PRO A 18 4.32 -5.30 3.07
CA PRO A 18 5.38 -4.45 2.48
C PRO A 18 6.37 -5.30 1.66
N VAL A 19 6.76 -4.83 0.51
CA VAL A 19 7.72 -5.60 -0.35
C VAL A 19 9.17 -5.36 0.14
N ARG A 20 10.04 -6.31 -0.09
CA ARG A 20 11.46 -6.15 0.35
C ARG A 20 12.13 -4.99 -0.40
N ARG A 21 12.97 -4.24 0.28
CA ARG A 21 13.64 -3.07 -0.39
C ARG A 21 15.12 -3.37 -0.70
N ARG A 22 15.57 -4.58 -0.48
CA ARG A 22 17.01 -4.91 -0.76
C ARG A 22 17.36 -4.66 -2.24
N ALA A 25 15.26 -0.65 -3.46
CA ALA A 25 15.85 0.62 -2.91
C ALA A 25 17.15 0.95 -3.64
N ASN A 26 17.88 -0.04 -4.07
CA ASN A 26 19.16 0.21 -4.79
C ASN A 26 18.90 0.47 -6.28
N TYR A 27 17.89 -0.14 -6.84
CA TYR A 27 17.58 0.08 -8.29
C TYR A 27 16.96 1.46 -8.51
N ARG A 28 16.17 1.95 -7.59
CA ARG A 28 15.54 3.30 -7.76
C ARG A 28 16.61 4.40 -7.61
N ALA A 29 17.59 4.20 -6.77
CA ALA A 29 18.65 5.24 -6.59
C ALA A 29 19.54 5.31 -7.84
N TYR A 30 19.70 4.21 -8.54
CA TYR A 30 20.56 4.19 -9.76
C TYR A 30 19.75 4.62 -11.00
N ALA A 31 18.49 4.28 -11.05
CA ALA A 31 17.67 4.67 -12.24
C ALA A 31 17.22 6.14 -12.14
N THR A 32 16.61 6.51 -11.04
CA THR A 32 16.14 7.94 -10.88
C THR A 32 17.03 8.68 -9.88
N MET A 1 -17.48 13.86 3.84
CA MET A 1 -16.12 14.26 4.30
C MET A 1 -15.19 14.52 3.12
N ALA A 2 -14.05 15.12 3.36
CA ALA A 2 -13.09 15.40 2.24
C ALA A 2 -12.21 14.18 1.97
N ASP A 3 -11.89 13.41 2.99
CA ASP A 3 -11.02 12.21 2.78
C ASP A 3 -11.85 11.05 2.19
N GLU A 4 -11.19 10.10 1.56
CA GLU A 4 -11.93 8.95 0.96
C GLU A 4 -11.80 7.71 1.86
N SER A 5 -12.20 7.82 3.10
CA SER A 5 -12.10 6.64 4.04
C SER A 5 -13.43 5.86 4.10
N SER A 6 -14.43 6.25 3.34
CA SER A 6 -15.72 5.51 3.34
C SER A 6 -15.49 4.05 2.94
N ASP A 7 -14.43 3.80 2.19
CA ASP A 7 -14.12 2.39 1.77
C ASP A 7 -13.95 1.48 3.00
N ALA A 8 -13.40 2.01 4.07
CA ALA A 8 -13.22 1.19 5.30
C ALA A 8 -14.56 1.06 6.05
N ALA A 9 -15.41 2.07 5.96
CA ALA A 9 -16.73 2.01 6.66
C ALA A 9 -17.61 0.91 6.03
N GLY A 10 -17.46 0.65 4.76
CA GLY A 10 -18.27 -0.41 4.10
C GLY A 10 -17.52 -1.75 4.17
N GLU A 11 -16.96 -2.18 3.07
CA GLU A 11 -16.20 -3.48 3.09
C GLU A 11 -14.70 -3.20 3.24
N PRO A 12 -14.16 -3.61 4.36
CA PRO A 12 -12.71 -3.39 4.65
C PRO A 12 -11.84 -4.29 3.76
N GLN A 13 -10.87 -3.73 3.10
CA GLN A 13 -9.98 -4.55 2.21
C GLN A 13 -8.72 -4.98 2.99
N PRO A 14 -8.16 -6.10 2.60
CA PRO A 14 -6.94 -6.62 3.27
C PRO A 14 -5.73 -5.76 2.91
N ALA A 15 -4.97 -5.33 3.90
CA ALA A 15 -3.77 -4.49 3.62
C ALA A 15 -2.60 -5.36 3.17
N PRO A 16 -2.00 -4.99 2.07
CA PRO A 16 -0.85 -5.75 1.52
C PRO A 16 0.42 -5.49 2.36
N ALA A 17 1.10 -6.53 2.75
CA ALA A 17 2.35 -6.36 3.57
C ALA A 17 3.52 -5.92 2.66
N PRO A 18 4.21 -4.89 3.09
CA PRO A 18 5.37 -4.38 2.30
C PRO A 18 6.56 -5.35 2.42
N VAL A 19 7.22 -5.61 1.31
CA VAL A 19 8.39 -6.54 1.34
C VAL A 19 9.65 -5.81 1.82
N ARG A 20 10.47 -6.47 2.60
CA ARG A 20 11.73 -5.83 3.09
C ARG A 20 12.78 -5.77 1.97
N ARG A 21 13.51 -4.68 1.88
CA ARG A 21 14.55 -4.56 0.80
C ARG A 21 15.97 -4.64 1.38
N ARG A 22 16.10 -4.93 2.67
CA ARG A 22 17.47 -5.01 3.28
C ARG A 22 18.33 -6.10 2.63
N ALA A 25 19.39 -4.88 -1.19
CA ALA A 25 20.39 -3.77 -1.20
C ALA A 25 21.80 -4.29 -0.85
N ASN A 26 21.88 -5.35 -0.07
CA ASN A 26 23.22 -5.91 0.30
C ASN A 26 23.65 -7.02 -0.67
N TYR A 27 22.71 -7.81 -1.15
CA TYR A 27 23.08 -8.92 -2.09
C TYR A 27 23.46 -8.35 -3.47
N ARG A 28 22.83 -7.27 -3.88
CA ARG A 28 23.17 -6.66 -5.21
C ARG A 28 24.63 -6.19 -5.24
N ALA A 29 25.20 -5.84 -4.11
CA ALA A 29 26.63 -5.38 -4.09
C ALA A 29 27.58 -6.51 -4.50
N TYR A 30 27.20 -7.75 -4.27
CA TYR A 30 28.08 -8.89 -4.66
C TYR A 30 27.95 -9.18 -6.16
N ALA A 31 26.76 -9.03 -6.71
CA ALA A 31 26.56 -9.29 -8.17
C ALA A 31 26.98 -8.07 -9.00
N THR A 32 26.47 -6.92 -8.66
CA THR A 32 26.84 -5.68 -9.43
C THR A 32 27.79 -4.81 -8.61
#